data_2JDK
#
_entry.id   2JDK
#
_cell.length_a   52.611
_cell.length_b   73.078
_cell.length_c   54.501
_cell.angle_alpha   90.00
_cell.angle_beta   94.35
_cell.angle_gamma   90.00
#
_symmetry.space_group_name_H-M   'P 1 21 1'
#
loop_
_entity.id
_entity.type
_entity.pdbx_description
1 polymer 'FUCOSE-BINDING LECTIN PA-IIL'
2 branched alpha-L-fucopyranose-(1-4)-2-acetamido-2-deoxy-beta-D-glucopyranose
3 non-polymer alpha-L-fucopyranose
4 non-polymer 'CALCIUM ION'
5 non-polymer 'METHYL 2H-1,2,3-TRIAZOLE-4-CARBOXYLATE'
6 non-polymer 'SULFATE ION'
7 water water
#
_entity_poly.entity_id   1
_entity_poly.type   'polypeptide(L)'
_entity_poly.pdbx_seq_one_letter_code
;MATQGVFTLPANTRFGVTAFANSSGTQTVNVLVNNETAATFSGQSTNNAVIGTQVLNSGSSGKVQVQVSVNGRPSDLVSA
QVILTNELNFALVGSEDGTDNDYNDAVVVINWPLG
;
_entity_poly.pdbx_strand_id   A,B,C,D
#
loop_
_chem_comp.id
_chem_comp.type
_chem_comp.name
_chem_comp.formula
CA non-polymer 'CALCIUM ION' 'Ca 2'
FUC L-saccharide, alpha linking alpha-L-fucopyranose 'C6 H12 O5'
NAG D-saccharide, beta linking 2-acetamido-2-deoxy-beta-D-glucopyranose 'C8 H15 N O6'
SO4 non-polymer 'SULFATE ION' 'O4 S -2'
T45 non-polymer 'METHYL 2H-1,2,3-TRIAZOLE-4-CARBOXYLATE' 'C4 H5 N3 O2'
#
# COMPACT_ATOMS: atom_id res chain seq x y z
N ALA A 2 4.67 5.22 16.47
CA ALA A 2 5.44 4.02 16.01
C ALA A 2 6.66 4.53 15.25
N THR A 3 7.68 3.71 15.25
CA THR A 3 8.86 3.97 14.43
C THR A 3 8.44 4.07 12.96
N GLN A 4 9.08 5.00 12.25
CA GLN A 4 8.85 5.18 10.82
C GLN A 4 10.19 5.32 10.13
N GLY A 5 10.21 5.01 8.84
CA GLY A 5 11.44 5.15 8.03
C GLY A 5 12.42 4.03 8.19
N VAL A 6 12.03 2.93 8.83
CA VAL A 6 12.90 1.75 9.03
C VAL A 6 12.31 0.61 8.22
N PHE A 7 13.15 -0.06 7.44
CA PHE A 7 12.68 -1.14 6.58
C PHE A 7 13.68 -2.31 6.65
N THR A 8 13.16 -3.54 6.70
CA THR A 8 14.04 -4.71 6.58
C THR A 8 13.96 -5.22 5.15
N LEU A 9 15.07 -5.07 4.44
CA LEU A 9 15.19 -5.59 3.10
C LEU A 9 15.77 -6.99 3.17
N PRO A 10 15.61 -7.76 2.11
CA PRO A 10 16.34 -9.02 2.03
C PRO A 10 17.82 -8.71 2.15
N ALA A 11 18.56 -9.59 2.83
CA ALA A 11 19.98 -9.34 3.02
C ALA A 11 20.74 -9.27 1.71
N ASN A 12 21.81 -8.48 1.72
CA ASN A 12 22.83 -8.47 0.67
C ASN A 12 22.21 -8.16 -0.70
N THR A 13 21.23 -7.24 -0.72
CA THR A 13 20.45 -6.94 -1.93
C THR A 13 20.64 -5.49 -2.32
N ARG A 14 20.91 -5.23 -3.60
CA ARG A 14 21.00 -3.83 -4.06
C ARG A 14 19.66 -3.21 -4.11
N PHE A 15 19.61 -1.91 -3.75
CA PHE A 15 18.35 -1.14 -3.78
C PHE A 15 18.68 0.24 -4.25
N GLY A 16 17.65 0.88 -4.84
CA GLY A 16 17.76 2.29 -5.17
C GLY A 16 17.15 3.14 -4.08
N VAL A 17 17.74 4.33 -3.89
CA VAL A 17 17.16 5.33 -2.98
C VAL A 17 17.23 6.67 -3.66
N THR A 18 16.10 7.38 -3.66
CA THR A 18 15.94 8.64 -4.39
C THR A 18 15.18 9.61 -3.49
N ALA A 19 15.64 10.84 -3.39
CA ALA A 19 14.99 11.85 -2.55
C ALA A 19 14.60 13.06 -3.35
N PHE A 20 13.44 13.60 -3.00
CA PHE A 20 12.83 14.78 -3.63
C PHE A 20 12.61 15.83 -2.55
N ALA A 21 12.68 17.11 -2.92
CA ALA A 21 12.43 18.18 -1.94
C ALA A 21 11.24 19.06 -2.37
N ASN A 22 10.46 19.46 -1.34
CA ASN A 22 9.28 20.35 -1.54
C ASN A 22 9.13 21.23 -0.33
N SER A 23 10.03 22.22 -0.16
CA SER A 23 10.01 23.03 1.06
C SER A 23 10.92 24.24 0.84
N SER A 24 10.65 25.32 1.58
CA SER A 24 11.62 26.41 1.66
C SER A 24 12.96 26.00 2.24
N GLY A 25 12.96 24.99 3.10
CA GLY A 25 14.16 24.68 3.86
C GLY A 25 15.04 23.63 3.17
N THR A 26 16.32 23.71 3.42
CA THR A 26 17.26 22.72 2.89
C THR A 26 17.09 21.39 3.62
N GLN A 27 16.85 20.34 2.87
CA GLN A 27 16.67 19.01 3.41
C GLN A 27 18.01 18.28 3.41
N THR A 28 18.31 17.61 4.52
CA THR A 28 19.40 16.62 4.58
C THR A 28 18.78 15.25 4.85
N VAL A 29 19.01 14.33 3.93
CA VAL A 29 18.48 12.98 4.03
C VAL A 29 19.65 12.04 4.24
N ASN A 30 19.63 11.33 5.38
CA ASN A 30 20.63 10.28 5.66
C ASN A 30 20.03 8.93 5.49
N VAL A 31 20.73 8.05 4.79
CA VAL A 31 20.31 6.67 4.58
C VAL A 31 21.28 5.80 5.34
N LEU A 32 20.80 5.07 6.31
CA LEU A 32 21.61 4.18 7.15
C LEU A 32 21.44 2.76 6.70
N VAL A 33 22.54 2.02 6.69
CA VAL A 33 22.51 0.56 6.48
C VAL A 33 23.26 -0.03 7.68
N ASN A 34 22.60 -0.97 8.38
CA ASN A 34 23.18 -1.54 9.61
C ASN A 34 23.58 -0.44 10.60
N ASN A 35 22.72 0.56 10.75
CA ASN A 35 22.90 1.57 11.76
C ASN A 35 24.16 2.40 11.55
N GLU A 36 24.65 2.48 10.33
CA GLU A 36 25.74 3.43 9.98
C GLU A 36 25.29 4.20 8.73
N THR A 37 25.70 5.46 8.62
CA THR A 37 25.34 6.24 7.44
C THR A 37 25.98 5.67 6.18
N ALA A 38 25.18 5.40 5.16
CA ALA A 38 25.64 4.84 3.90
C ALA A 38 25.56 5.85 2.77
N ALA A 39 24.69 6.83 2.87
CA ALA A 39 24.55 7.88 1.87
C ALA A 39 23.92 9.06 2.54
N THR A 40 24.28 10.26 2.02
CA THR A 40 23.65 11.50 2.48
C THR A 40 23.34 12.34 1.24
N PHE A 41 22.11 12.83 1.15
CA PHE A 41 21.69 13.75 0.10
C PHE A 41 21.31 15.06 0.74
N SER A 42 21.46 16.17 0.02
CA SER A 42 20.96 17.44 0.51
C SER A 42 20.58 18.33 -0.64
N GLY A 43 19.63 19.21 -0.39
CA GLY A 43 19.25 20.22 -1.39
C GLY A 43 18.01 20.93 -0.98
N GLN A 44 17.63 21.92 -1.80
CA GLN A 44 16.46 22.73 -1.54
C GLN A 44 15.69 22.90 -2.84
N SER A 45 14.38 22.65 -2.78
CA SER A 45 13.48 22.87 -3.90
C SER A 45 12.06 22.99 -3.36
N THR A 46 11.26 23.81 -4.03
CA THR A 46 9.82 23.79 -3.84
C THR A 46 9.11 23.19 -5.04
N ASN A 47 9.86 22.50 -5.90
CA ASN A 47 9.35 21.93 -7.14
C ASN A 47 9.73 20.50 -7.36
N ASN A 48 9.84 19.74 -6.25
CA ASN A 48 10.06 18.29 -6.36
C ASN A 48 11.39 17.91 -7.02
N ALA A 49 12.41 18.78 -6.95
CA ALA A 49 13.67 18.38 -7.56
C ALA A 49 14.20 17.14 -6.86
N VAL A 50 14.88 16.31 -7.65
CA VAL A 50 15.64 15.16 -7.10
C VAL A 50 16.89 15.72 -6.47
N ILE A 51 17.02 15.62 -5.17
CA ILE A 51 18.18 16.09 -4.43
C ILE A 51 19.23 14.99 -4.23
N GLY A 52 18.91 13.76 -4.58
CA GLY A 52 19.95 12.70 -4.63
C GLY A 52 19.33 11.42 -5.07
N THR A 53 20.17 10.56 -5.65
CA THR A 53 19.76 9.20 -6.00
C THR A 53 20.97 8.33 -6.06
N GLN A 54 20.90 7.10 -5.52
CA GLN A 54 22.08 6.24 -5.39
C GLN A 54 21.61 4.82 -5.33
N VAL A 55 22.51 3.89 -5.66
CA VAL A 55 22.30 2.47 -5.47
C VAL A 55 23.18 2.01 -4.32
N LEU A 56 22.59 1.32 -3.38
CA LEU A 56 23.28 0.84 -2.18
C LEU A 56 23.02 -0.67 -2.03
N ASN A 57 23.79 -1.34 -1.19
CA ASN A 57 23.58 -2.72 -0.78
C ASN A 57 22.99 -2.76 0.64
N SER A 58 21.95 -3.60 0.84
CA SER A 58 21.32 -3.72 2.15
C SER A 58 22.18 -4.41 3.21
N GLY A 59 23.27 -5.07 2.79
CA GLY A 59 24.20 -5.73 3.71
C GLY A 59 23.61 -6.88 4.47
N SER A 60 24.41 -7.37 5.43
CA SER A 60 24.09 -8.64 6.05
C SER A 60 22.80 -8.64 6.81
N SER A 61 22.43 -7.54 7.44
CA SER A 61 21.23 -7.49 8.25
C SER A 61 20.01 -7.06 7.47
N GLY A 62 20.18 -6.44 6.30
CA GLY A 62 19.07 -5.87 5.54
C GLY A 62 18.45 -4.64 6.16
N LYS A 63 18.94 -4.12 7.27
CA LYS A 63 18.24 -3.00 7.94
C LYS A 63 18.61 -1.70 7.29
N VAL A 64 17.60 -1.02 6.76
CA VAL A 64 17.78 0.30 6.11
C VAL A 64 16.92 1.32 6.85
N GLN A 65 17.49 2.47 7.14
CA GLN A 65 16.73 3.52 7.82
C GLN A 65 16.94 4.84 7.12
N VAL A 66 15.88 5.60 6.95
CA VAL A 66 15.91 6.94 6.40
C VAL A 66 15.68 7.92 7.53
N GLN A 67 16.52 8.96 7.61
CA GLN A 67 16.36 10.08 8.55
C GLN A 67 16.41 11.38 7.75
N VAL A 68 15.60 12.35 8.16
CA VAL A 68 15.58 13.67 7.48
C VAL A 68 15.73 14.75 8.50
N SER A 69 16.62 15.73 8.24
CA SER A 69 16.80 16.89 9.10
C SER A 69 16.71 18.16 8.29
N VAL A 70 16.10 19.17 8.90
CA VAL A 70 15.93 20.49 8.25
C VAL A 70 16.14 21.53 9.34
N ASN A 71 16.96 22.55 9.07
CA ASN A 71 17.11 23.66 10.02
C ASN A 71 17.59 23.14 11.39
N GLY A 72 18.36 22.04 11.40
CA GLY A 72 18.95 21.53 12.60
C GLY A 72 18.09 20.60 13.42
N ARG A 73 16.88 20.25 12.97
CA ARG A 73 16.04 19.33 13.70
C ARG A 73 15.50 18.24 12.82
N PRO A 74 15.34 17.04 13.39
CA PRO A 74 14.73 15.95 12.62
C PRO A 74 13.28 16.24 12.26
N SER A 75 12.93 15.95 11.03
CA SER A 75 11.56 16.05 10.57
C SER A 75 10.75 14.86 11.06
N ASP A 76 9.45 15.05 11.21
CA ASP A 76 8.56 13.94 11.56
C ASP A 76 8.36 13.10 10.32
N LEU A 77 8.45 11.78 10.46
CA LEU A 77 8.37 10.90 9.29
C LEU A 77 7.09 10.08 9.25
N VAL A 78 6.70 9.71 8.03
N VAL A 78 6.65 9.82 8.01
CA VAL A 78 5.65 8.73 7.83
CA VAL A 78 5.64 8.78 7.74
C VAL A 78 6.12 7.82 6.72
C VAL A 78 6.23 7.80 6.76
N SER A 79 5.78 6.53 6.81
CA SER A 79 6.34 5.55 5.88
C SER A 79 5.47 4.34 5.74
N ALA A 80 5.71 3.58 4.69
CA ALA A 80 5.10 2.25 4.50
C ALA A 80 5.86 1.54 3.42
N GLN A 81 5.70 0.20 3.34
CA GLN A 81 6.21 -0.60 2.25
C GLN A 81 5.06 -1.21 1.49
N VAL A 82 5.17 -1.21 0.16
CA VAL A 82 4.14 -1.83 -0.71
C VAL A 82 4.84 -2.78 -1.65
N ILE A 83 4.20 -3.93 -1.88
CA ILE A 83 4.76 -4.94 -2.78
C ILE A 83 3.71 -5.22 -3.86
N LEU A 84 4.09 -5.13 -5.13
CA LEU A 84 3.25 -5.39 -6.27
C LEU A 84 3.60 -6.72 -6.93
N THR A 85 2.58 -7.47 -7.31
CA THR A 85 2.69 -8.81 -7.94
C THR A 85 3.70 -9.69 -7.24
N ASN A 86 3.82 -9.55 -5.90
CA ASN A 86 4.68 -10.38 -5.08
C ASN A 86 6.16 -10.28 -5.49
N GLU A 87 6.54 -9.22 -6.21
CA GLU A 87 7.87 -9.12 -6.81
C GLU A 87 8.53 -7.75 -6.58
N LEU A 88 7.77 -6.68 -6.75
CA LEU A 88 8.33 -5.33 -6.86
C LEU A 88 8.05 -4.60 -5.55
N ASN A 89 9.12 -4.13 -4.90
CA ASN A 89 9.03 -3.53 -3.58
C ASN A 89 9.30 -2.01 -3.62
N PHE A 90 8.47 -1.27 -2.90
CA PHE A 90 8.67 0.14 -2.67
C PHE A 90 8.65 0.38 -1.17
N ALA A 91 9.64 1.08 -0.65
CA ALA A 91 9.65 1.58 0.72
C ALA A 91 9.57 3.09 0.59
N LEU A 92 8.56 3.68 1.16
CA LEU A 92 8.18 5.06 0.90
C LEU A 92 8.25 5.86 2.19
N VAL A 93 8.81 7.09 2.10
CA VAL A 93 8.93 7.97 3.27
C VAL A 93 8.49 9.36 2.87
N GLY A 94 7.63 9.95 3.71
CA GLY A 94 7.37 11.39 3.67
C GLY A 94 7.89 12.01 4.98
N SER A 95 8.00 13.33 4.98
CA SER A 95 8.54 14.02 6.15
C SER A 95 8.00 15.42 6.20
N GLU A 96 7.86 15.89 7.45
CA GLU A 96 7.33 17.23 7.72
C GLU A 96 8.31 18.02 8.54
N ASP A 97 8.72 19.17 8.00
CA ASP A 97 9.70 20.05 8.65
C ASP A 97 9.07 21.26 9.33
N GLY A 98 7.77 21.41 9.26
CA GLY A 98 7.10 22.66 9.66
C GLY A 98 5.74 22.37 10.26
N THR A 99 4.77 23.17 9.87
CA THR A 99 3.47 23.22 10.52
C THR A 99 2.33 22.89 9.60
N ASP A 100 2.53 22.85 8.29
CA ASP A 100 1.42 22.67 7.39
C ASP A 100 0.97 21.22 7.18
N ASN A 101 1.80 20.29 7.62
CA ASN A 101 1.42 18.86 7.54
C ASN A 101 1.16 18.38 6.15
N ASP A 102 1.93 18.88 5.17
CA ASP A 102 1.87 18.29 3.82
C ASP A 102 2.75 17.02 3.71
N TYR A 103 3.72 16.86 4.61
CA TYR A 103 4.54 15.64 4.64
C TYR A 103 5.27 15.34 3.33
N ASN A 104 5.55 16.38 2.54
CA ASN A 104 6.29 16.17 1.28
C ASN A 104 7.63 16.90 1.29
N ASP A 105 8.07 17.38 2.46
CA ASP A 105 9.18 18.36 2.46
C ASP A 105 10.45 17.71 1.98
N ALA A 106 10.68 16.47 2.43
CA ALA A 106 11.56 15.52 1.74
C ALA A 106 10.72 14.27 1.54
N VAL A 107 10.71 13.76 0.30
CA VAL A 107 10.04 12.50 -0.02
C VAL A 107 11.15 11.52 -0.45
N VAL A 108 11.15 10.31 0.10
CA VAL A 108 12.20 9.35 -0.22
C VAL A 108 11.55 8.07 -0.71
N VAL A 109 12.06 7.56 -1.85
CA VAL A 109 11.59 6.32 -2.46
C VAL A 109 12.74 5.37 -2.49
N ILE A 110 12.55 4.19 -1.91
CA ILE A 110 13.48 3.07 -2.00
C ILE A 110 12.79 2.00 -2.82
N ASN A 111 13.53 1.41 -3.77
CA ASN A 111 12.92 0.37 -4.60
C ASN A 111 13.91 -0.78 -4.77
N TRP A 112 13.35 -2.00 -4.83
CA TRP A 112 14.15 -3.19 -5.10
C TRP A 112 13.21 -4.26 -5.59
N PRO A 113 13.70 -5.32 -6.24
CA PRO A 113 15.10 -5.52 -6.65
C PRO A 113 15.42 -4.68 -7.88
N LEU A 114 16.72 -4.59 -8.15
CA LEU A 114 17.26 -3.89 -9.30
C LEU A 114 17.70 -4.91 -10.36
N GLY A 115 18.10 -4.41 -11.53
CA GLY A 115 18.68 -5.24 -12.56
C GLY A 115 17.72 -5.83 -13.56
N ALA B 2 -7.11 -6.68 -14.44
CA ALA B 2 -7.71 -5.34 -14.23
C ALA B 2 -6.81 -4.28 -14.86
N THR B 3 -7.41 -3.12 -15.21
CA THR B 3 -6.59 -2.02 -15.75
C THR B 3 -5.54 -1.63 -14.72
N GLN B 4 -4.36 -1.29 -15.23
CA GLN B 4 -3.23 -0.86 -14.40
C GLN B 4 -2.62 0.41 -15.02
N GLY B 5 -1.96 1.21 -14.19
CA GLY B 5 -1.24 2.36 -14.67
C GLY B 5 -2.13 3.57 -14.93
N VAL B 6 -3.38 3.55 -14.49
CA VAL B 6 -4.32 4.67 -14.64
C VAL B 6 -4.70 5.19 -13.25
N PHE B 7 -4.56 6.50 -13.05
CA PHE B 7 -4.81 7.10 -11.76
C PHE B 7 -5.66 8.36 -11.94
N THR B 8 -6.58 8.63 -11.02
CA THR B 8 -7.30 9.89 -11.03
C THR B 8 -6.75 10.76 -9.95
N LEU B 9 -6.10 11.86 -10.33
CA LEU B 9 -5.57 12.83 -9.38
C LEU B 9 -6.60 13.95 -9.16
N PRO B 10 -6.43 14.72 -8.08
CA PRO B 10 -7.22 15.96 -7.97
C PRO B 10 -6.96 16.81 -9.23
N ALA B 11 -7.99 17.53 -9.69
CA ALA B 11 -7.83 18.35 -10.89
C ALA B 11 -6.85 19.52 -10.64
N ASN B 12 -6.22 19.95 -11.73
CA ASN B 12 -5.41 21.20 -11.74
C ASN B 12 -4.37 21.19 -10.63
N THR B 13 -3.73 20.02 -10.45
CA THR B 13 -2.77 19.87 -9.35
C THR B 13 -1.43 19.44 -9.92
N ARG B 14 -0.34 20.07 -9.46
CA ARG B 14 1.00 19.62 -9.89
C ARG B 14 1.33 18.30 -9.24
N PHE B 15 2.04 17.48 -10.00
CA PHE B 15 2.52 16.21 -9.48
C PHE B 15 3.88 15.92 -10.10
N GLY B 16 4.65 15.10 -9.39
CA GLY B 16 5.92 14.65 -9.91
C GLY B 16 5.78 13.28 -10.54
N VAL B 17 6.53 13.02 -11.59
CA VAL B 17 6.60 11.67 -12.22
C VAL B 17 8.05 11.36 -12.48
N THR B 18 8.48 10.18 -12.05
CA THR B 18 9.89 9.79 -12.10
C THR B 18 9.97 8.35 -12.58
N ALA B 19 10.86 8.07 -13.52
CA ALA B 19 11.01 6.73 -14.11
C ALA B 19 12.43 6.22 -13.89
N PHE B 20 12.49 4.94 -13.57
CA PHE B 20 13.73 4.19 -13.35
C PHE B 20 13.78 3.02 -14.32
N ALA B 21 14.97 2.62 -14.76
CA ALA B 21 15.12 1.48 -15.65
C ALA B 21 16.00 0.37 -15.06
N ASN B 22 15.56 -0.87 -15.32
CA ASN B 22 16.30 -2.06 -14.85
C ASN B 22 16.11 -3.21 -15.84
N SER B 23 16.77 -3.14 -16.99
CA SER B 23 16.56 -4.11 -18.06
C SER B 23 17.65 -3.91 -19.11
N SER B 24 17.95 -4.96 -19.89
CA SER B 24 18.84 -4.82 -21.03
C SER B 24 18.17 -4.06 -22.18
N GLY B 25 16.84 -3.99 -22.18
CA GLY B 25 16.11 -3.30 -23.23
C GLY B 25 15.93 -1.81 -22.93
N THR B 26 16.00 -0.97 -23.96
CA THR B 26 15.70 0.44 -23.79
C THR B 26 14.25 0.62 -23.45
N GLN B 27 13.98 1.29 -22.34
CA GLN B 27 12.61 1.57 -21.91
C GLN B 27 12.15 2.86 -22.51
N THR B 28 10.88 2.90 -22.93
CA THR B 28 10.17 4.14 -23.31
C THR B 28 8.99 4.31 -22.38
N VAL B 29 8.99 5.37 -21.62
CA VAL B 29 7.90 5.68 -20.68
C VAL B 29 7.17 6.89 -21.19
N ASN B 30 5.88 6.75 -21.39
CA ASN B 30 5.01 7.85 -21.78
C ASN B 30 4.00 8.11 -20.66
N VAL B 31 3.87 9.37 -20.31
CA VAL B 31 2.95 9.80 -19.25
C VAL B 31 1.89 10.64 -19.93
N LEU B 32 0.65 10.19 -19.88
CA LEU B 32 -0.46 10.86 -20.52
C LEU B 32 -1.32 11.59 -19.50
N VAL B 33 -1.72 12.83 -19.81
CA VAL B 33 -2.65 13.57 -18.97
C VAL B 33 -3.86 13.84 -19.87
N ASN B 34 -5.06 13.46 -19.41
CA ASN B 34 -6.26 13.62 -20.26
C ASN B 34 -6.04 13.00 -21.64
N ASN B 35 -5.45 11.81 -21.63
CA ASN B 35 -5.29 10.99 -22.85
C ASN B 35 -4.31 11.60 -23.88
N GLU B 36 -3.48 12.58 -23.48
CA GLU B 36 -2.47 13.12 -24.39
C GLU B 36 -1.11 13.04 -23.72
N THR B 37 -0.09 12.69 -24.48
CA THR B 37 1.24 12.60 -23.89
C THR B 37 1.71 13.94 -23.37
N ALA B 38 2.15 13.94 -22.14
CA ALA B 38 2.65 15.12 -21.46
C ALA B 38 4.12 15.02 -21.10
N ALA B 39 4.65 13.80 -20.98
CA ALA B 39 6.10 13.63 -20.76
C ALA B 39 6.49 12.29 -21.38
N THR B 40 7.72 12.21 -21.87
CA THR B 40 8.28 10.98 -22.36
C THR B 40 9.73 10.85 -21.94
N PHE B 41 10.13 9.68 -21.50
CA PHE B 41 11.50 9.39 -21.07
C PHE B 41 11.95 8.14 -21.75
N SER B 42 13.22 8.06 -22.18
CA SER B 42 13.75 6.80 -22.74
C SER B 42 15.12 6.54 -22.21
N GLY B 43 15.46 5.28 -22.05
CA GLY B 43 16.84 4.97 -21.67
C GLY B 43 17.02 3.53 -21.33
N GLN B 44 18.29 3.14 -21.26
CA GLN B 44 18.63 1.80 -20.90
C GLN B 44 19.53 1.81 -19.67
N SER B 45 19.15 1.04 -18.66
CA SER B 45 19.95 0.84 -17.47
C SER B 45 19.62 -0.53 -16.90
N THR B 46 20.63 -1.16 -16.30
CA THR B 46 20.39 -2.30 -15.39
C THR B 46 20.73 -1.93 -13.95
N ASN B 47 20.79 -0.62 -13.66
CA ASN B 47 21.16 -0.19 -12.33
C ASN B 47 20.33 1.03 -11.85
N ASN B 48 19.05 1.02 -12.23
CA ASN B 48 18.11 1.96 -11.61
C ASN B 48 18.36 3.39 -11.98
N ALA B 49 18.91 3.66 -13.16
CA ALA B 49 19.03 5.08 -13.60
C ALA B 49 17.67 5.73 -13.54
N VAL B 50 17.67 7.02 -13.19
CA VAL B 50 16.50 7.89 -13.32
C VAL B 50 16.46 8.39 -14.77
N ILE B 51 15.73 7.66 -15.61
CA ILE B 51 15.69 8.00 -17.01
C ILE B 51 14.86 9.24 -17.27
N GLY B 52 14.10 9.69 -16.29
CA GLY B 52 13.51 11.02 -16.37
C GLY B 52 12.73 11.35 -15.13
N THR B 53 12.62 12.64 -14.82
CA THR B 53 11.72 13.13 -13.78
C THR B 53 11.16 14.45 -14.28
N GLN B 54 9.90 14.72 -13.99
CA GLN B 54 9.26 15.95 -14.44
C GLN B 54 8.15 16.33 -13.49
N VAL B 55 7.80 17.60 -13.49
CA VAL B 55 6.61 18.10 -12.83
C VAL B 55 5.60 18.40 -13.87
N LEU B 56 4.38 17.86 -13.72
CA LEU B 56 3.26 18.03 -14.64
C LEU B 56 2.08 18.57 -13.86
N ASN B 57 1.06 19.04 -14.61
CA ASN B 57 -0.20 19.48 -14.01
C ASN B 57 -1.30 18.49 -14.44
N SER B 58 -2.06 17.99 -13.50
CA SER B 58 -3.12 17.01 -13.82
C SER B 58 -4.26 17.56 -14.66
N GLY B 59 -4.35 18.89 -14.79
CA GLY B 59 -5.35 19.55 -15.66
C GLY B 59 -6.78 19.33 -15.21
N SER B 60 -7.72 19.65 -16.10
CA SER B 60 -9.12 19.68 -15.72
C SER B 60 -9.66 18.30 -15.39
N SER B 61 -9.11 17.24 -16.00
CA SER B 61 -9.69 15.90 -15.85
C SER B 61 -9.08 15.13 -14.66
N GLY B 62 -7.85 15.46 -14.29
CA GLY B 62 -7.13 14.66 -13.29
C GLY B 62 -6.68 13.29 -13.80
N LYS B 63 -6.94 12.94 -15.05
CA LYS B 63 -6.63 11.60 -15.51
C LYS B 63 -5.16 11.46 -15.90
N VAL B 64 -4.43 10.58 -15.22
CA VAL B 64 -3.03 10.33 -15.54
C VAL B 64 -2.81 8.87 -15.88
N GLN B 65 -2.18 8.55 -16.99
CA GLN B 65 -1.93 7.19 -17.38
C GLN B 65 -0.44 7.02 -17.74
N VAL B 66 0.16 5.94 -17.26
CA VAL B 66 1.53 5.60 -17.59
C VAL B 66 1.49 4.43 -18.56
N GLN B 67 2.28 4.54 -19.63
CA GLN B 67 2.48 3.44 -20.59
C GLN B 67 3.96 3.17 -20.73
N VAL B 68 4.34 1.92 -20.86
CA VAL B 68 5.74 1.58 -21.03
C VAL B 68 5.86 0.65 -22.22
N SER B 69 6.89 0.86 -23.05
CA SER B 69 7.15 -0.03 -24.16
C SER B 69 8.63 -0.15 -24.37
N VAL B 70 8.99 -1.22 -25.07
CA VAL B 70 10.37 -1.42 -25.49
C VAL B 70 10.37 -1.58 -27.02
N ASN B 71 10.95 -0.61 -27.74
CA ASN B 71 10.88 -0.55 -29.23
C ASN B 71 9.51 -0.91 -29.72
N GLY B 72 8.54 -0.21 -29.16
CA GLY B 72 7.16 -0.30 -29.59
C GLY B 72 6.34 -1.42 -29.04
N ARG B 73 6.95 -2.38 -28.35
CA ARG B 73 6.15 -3.48 -27.78
C ARG B 73 5.71 -3.11 -26.37
N PRO B 74 4.40 -3.07 -26.07
CA PRO B 74 3.99 -2.67 -24.73
C PRO B 74 4.44 -3.65 -23.66
N SER B 75 4.92 -3.11 -22.53
CA SER B 75 5.19 -3.93 -21.36
C SER B 75 3.91 -4.16 -20.55
N ASP B 76 3.90 -5.27 -19.81
CA ASP B 76 2.76 -5.56 -18.91
C ASP B 76 2.94 -4.75 -17.63
N LEU B 77 1.87 -4.09 -17.18
CA LEU B 77 1.97 -3.17 -16.04
C LEU B 77 1.35 -3.72 -14.77
N VAL B 78 1.88 -3.27 -13.64
N VAL B 78 1.86 -3.26 -13.63
CA VAL B 78 1.23 -3.41 -12.32
CA VAL B 78 1.22 -3.50 -12.32
C VAL B 78 1.23 -2.04 -11.68
C VAL B 78 1.28 -2.16 -11.59
N SER B 79 0.26 -1.83 -10.79
CA SER B 79 0.20 -0.51 -10.17
C SER B 79 -0.63 -0.52 -8.89
N ALA B 80 -0.47 0.53 -8.09
CA ALA B 80 -1.34 0.78 -6.93
C ALA B 80 -1.13 2.20 -6.48
N GLN B 81 -2.00 2.69 -5.62
CA GLN B 81 -1.80 4.03 -4.98
C GLN B 81 -1.80 3.82 -3.49
N VAL B 82 -0.95 4.57 -2.81
N VAL B 82 -0.89 4.49 -2.78
N VAL B 82 -0.92 4.56 -2.82
CA VAL B 82 -0.95 4.56 -1.35
CA VAL B 82 -0.89 4.47 -1.29
CA VAL B 82 -0.81 4.56 -1.36
C VAL B 82 -0.93 5.98 -0.84
C VAL B 82 -0.85 5.91 -0.78
C VAL B 82 -0.96 6.01 -0.87
N ILE B 83 -1.62 6.17 0.28
CA ILE B 83 -1.79 7.47 0.92
C ILE B 83 -1.31 7.37 2.36
N LEU B 84 -0.39 8.23 2.74
CA LEU B 84 0.15 8.28 4.09
C LEU B 84 -0.41 9.53 4.79
N THR B 85 -0.71 9.34 6.09
CA THR B 85 -1.29 10.33 7.01
C THR B 85 -2.40 11.12 6.32
N ASN B 86 -3.20 10.44 5.47
CA ASN B 86 -4.38 11.04 4.84
C ASN B 86 -4.06 12.25 3.97
N GLU B 87 -2.81 12.36 3.49
CA GLU B 87 -2.35 13.57 2.83
C GLU B 87 -1.38 13.33 1.69
N LEU B 88 -0.43 12.41 1.86
CA LEU B 88 0.72 12.26 0.99
C LEU B 88 0.45 11.07 0.05
N ASN B 89 0.44 11.34 -1.24
CA ASN B 89 0.03 10.33 -2.22
C ASN B 89 1.17 9.84 -3.08
N PHE B 90 1.20 8.52 -3.29
CA PHE B 90 2.11 7.88 -4.21
C PHE B 90 1.31 7.01 -5.16
N ALA B 91 1.50 7.16 -6.46
CA ALA B 91 0.92 6.27 -7.47
C ALA B 91 2.13 5.52 -8.07
N LEU B 92 2.09 4.21 -8.03
CA LEU B 92 3.25 3.35 -8.25
C LEU B 92 2.99 2.45 -9.44
N VAL B 93 3.98 2.31 -10.31
CA VAL B 93 3.88 1.46 -11.49
C VAL B 93 5.14 0.61 -11.61
N GLY B 94 4.96 -0.68 -11.83
CA GLY B 94 6.02 -1.58 -12.31
C GLY B 94 5.66 -2.07 -13.70
N SER B 95 6.65 -2.64 -14.39
CA SER B 95 6.43 -3.12 -15.76
C SER B 95 7.37 -4.23 -16.07
N GLU B 96 6.90 -5.14 -16.94
CA GLU B 96 7.67 -6.33 -17.32
C GLU B 96 7.75 -6.40 -18.83
N ASP B 97 8.98 -6.44 -19.35
CA ASP B 97 9.25 -6.47 -20.77
C ASP B 97 9.66 -7.86 -21.30
N GLY B 98 9.64 -8.84 -20.42
CA GLY B 98 10.12 -10.18 -20.78
C GLY B 98 9.41 -11.26 -20.01
N THR B 99 10.15 -12.27 -19.59
CA THR B 99 9.57 -13.45 -18.99
C THR B 99 9.95 -13.66 -17.54
N ASP B 100 10.91 -12.90 -16.97
CA ASP B 100 11.36 -13.20 -15.61
C ASP B 100 10.41 -12.68 -14.54
N ASN B 101 9.51 -11.78 -14.89
CA ASN B 101 8.53 -11.25 -13.92
C ASN B 101 9.20 -10.61 -12.70
N ASP B 102 10.28 -9.90 -12.88
CA ASP B 102 10.73 -9.00 -11.82
C ASP B 102 9.94 -7.69 -11.78
N TYR B 103 9.26 -7.32 -12.88
CA TYR B 103 8.40 -6.14 -12.89
C TYR B 103 9.11 -4.86 -12.49
N ASN B 104 10.44 -4.79 -12.73
CA ASN B 104 11.19 -3.60 -12.42
C ASN B 104 11.79 -2.97 -13.69
N ASP B 105 11.36 -3.42 -14.87
CA ASP B 105 12.14 -3.12 -16.08
C ASP B 105 12.03 -1.62 -16.39
N ALA B 106 10.84 -1.05 -16.19
CA ALA B 106 10.68 0.39 -15.94
C ALA B 106 9.80 0.49 -14.68
N VAL B 107 10.20 1.32 -13.73
CA VAL B 107 9.46 1.60 -12.49
C VAL B 107 9.09 3.05 -12.58
N VAL B 108 7.85 3.40 -12.28
CA VAL B 108 7.44 4.80 -12.34
C VAL B 108 6.77 5.16 -11.02
N VAL B 109 7.17 6.29 -10.45
CA VAL B 109 6.55 6.80 -9.22
C VAL B 109 5.98 8.18 -9.51
N ILE B 110 4.72 8.36 -9.16
CA ILE B 110 4.03 9.64 -9.24
C ILE B 110 3.76 10.10 -7.79
N ASN B 111 4.07 11.34 -7.48
CA ASN B 111 3.87 11.83 -6.11
C ASN B 111 3.19 13.18 -6.10
N TRP B 112 2.27 13.37 -5.16
CA TRP B 112 1.63 14.67 -4.96
C TRP B 112 1.13 14.72 -3.50
N PRO B 113 0.85 15.91 -2.96
CA PRO B 113 1.09 17.24 -3.54
C PRO B 113 2.56 17.58 -3.53
N LEU B 114 2.86 18.64 -4.31
CA LEU B 114 4.20 19.24 -4.37
C LEU B 114 4.21 20.56 -3.61
N GLY B 115 5.37 21.18 -3.52
CA GLY B 115 5.49 22.54 -2.96
C GLY B 115 5.68 22.62 -1.47
N ALA C 2 2.93 11.91 13.16
CA ALA C 2 1.86 12.33 12.23
C ALA C 2 0.59 11.70 12.74
N THR C 3 -0.52 12.38 12.47
CA THR C 3 -1.82 11.80 12.76
C THR C 3 -1.96 10.45 12.04
N GLN C 4 -2.59 9.49 12.74
CA GLN C 4 -2.87 8.15 12.18
C GLN C 4 -4.30 7.78 12.53
N GLY C 5 -4.86 6.93 11.70
CA GLY C 5 -6.23 6.45 11.92
C GLY C 5 -7.33 7.39 11.48
N VAL C 6 -6.98 8.42 10.70
CA VAL C 6 -7.98 9.35 10.15
C VAL C 6 -7.98 9.23 8.63
N PHE C 7 -9.16 9.09 8.04
CA PHE C 7 -9.26 8.87 6.60
C PHE C 7 -10.40 9.73 6.06
N THR C 8 -10.19 10.33 4.88
CA THR C 8 -11.25 11.00 4.15
C THR C 8 -11.83 10.05 3.13
N LEU C 9 -13.03 9.57 3.38
CA LEU C 9 -13.74 8.70 2.48
C LEU C 9 -14.57 9.52 1.50
N PRO C 10 -15.00 8.91 0.40
CA PRO C 10 -16.05 9.53 -0.44
C PRO C 10 -17.24 9.91 0.44
N ALA C 11 -17.78 11.11 0.21
CA ALA C 11 -18.93 11.53 1.01
C ALA C 11 -20.12 10.60 0.79
N ASN C 12 -20.94 10.48 1.84
CA ASN C 12 -22.26 9.84 1.77
C ASN C 12 -22.24 8.38 1.34
N THR C 13 -21.12 7.71 1.55
CA THR C 13 -20.88 6.40 0.96
C THR C 13 -20.77 5.33 2.04
N ARG C 14 -21.39 4.17 1.79
CA ARG C 14 -21.30 3.05 2.72
C ARG C 14 -19.90 2.43 2.69
N PHE C 15 -19.41 2.06 3.86
CA PHE C 15 -18.13 1.35 3.96
C PHE C 15 -18.24 0.27 5.00
N GLY C 16 -17.38 -0.73 4.88
CA GLY C 16 -17.24 -1.74 5.90
C GLY C 16 -16.16 -1.39 6.85
N VAL C 17 -16.34 -1.72 8.15
CA VAL C 17 -15.28 -1.58 9.11
C VAL C 17 -15.26 -2.88 9.96
N THR C 18 -14.08 -3.47 10.10
CA THR C 18 -13.92 -4.78 10.70
C THR C 18 -12.69 -4.74 11.60
N ALA C 19 -12.79 -5.32 12.82
CA ALA C 19 -11.68 -5.34 13.74
C ALA C 19 -11.33 -6.76 14.15
N PHE C 20 -10.02 -6.96 14.33
CA PHE C 20 -9.43 -8.23 14.68
C PHE C 20 -8.59 -7.99 15.94
N ALA C 21 -8.59 -8.97 16.87
CA ALA C 21 -7.81 -8.84 18.10
C ALA C 21 -6.69 -9.88 18.18
N ASN C 22 -5.53 -9.41 18.67
CA ASN C 22 -4.36 -10.28 18.87
C ASN C 22 -3.57 -9.79 20.08
N SER C 23 -4.08 -10.04 21.29
CA SER C 23 -3.45 -9.53 22.51
C SER C 23 -4.10 -10.23 23.71
N SER C 24 -3.36 -10.28 24.83
CA SER C 24 -3.98 -10.70 26.07
C SER C 24 -4.91 -9.65 26.62
N GLY C 25 -4.74 -8.38 26.22
CA GLY C 25 -5.57 -7.32 26.71
C GLY C 25 -6.90 -7.23 25.94
N THR C 26 -7.98 -6.89 26.62
CA THR C 26 -9.24 -6.66 25.94
C THR C 26 -9.17 -5.35 25.15
N GLN C 27 -9.47 -5.45 23.85
CA GLN C 27 -9.42 -4.28 22.96
C GLN C 27 -10.76 -3.59 22.92
N THR C 28 -10.75 -2.27 22.81
CA THR C 28 -11.96 -1.50 22.49
C THR C 28 -11.63 -0.61 21.30
N VAL C 29 -12.40 -0.77 20.23
CA VAL C 29 -12.22 -0.01 18.99
C VAL C 29 -13.41 0.89 18.80
N ASN C 30 -13.15 2.20 18.70
N ASN C 30 -13.12 2.20 18.71
CA ASN C 30 -14.21 3.18 18.44
CA ASN C 30 -14.14 3.16 18.44
C ASN C 30 -14.04 3.77 17.06
C ASN C 30 -14.00 3.64 16.99
N VAL C 31 -15.13 3.78 16.30
CA VAL C 31 -15.14 4.32 14.94
C VAL C 31 -15.98 5.57 14.94
N LEU C 32 -15.38 6.69 14.61
CA LEU C 32 -16.03 8.00 14.60
C LEU C 32 -16.32 8.40 13.16
N VAL C 33 -17.54 8.87 12.89
CA VAL C 33 -17.87 9.43 11.59
C VAL C 33 -18.23 10.86 11.85
N ASN C 34 -17.55 11.82 11.15
CA ASN C 34 -17.76 13.26 11.39
C ASN C 34 -17.71 13.58 12.87
N ASN C 35 -16.70 13.00 13.52
CA ASN C 35 -16.33 13.26 14.91
C ASN C 35 -17.31 12.74 15.93
N GLU C 36 -18.24 11.86 15.56
CA GLU C 36 -19.17 11.28 16.53
C GLU C 36 -19.08 9.74 16.46
N THR C 37 -19.12 9.08 17.62
CA THR C 37 -18.99 7.62 17.64
C THR C 37 -20.13 6.98 16.88
N ALA C 38 -19.80 6.14 15.94
CA ALA C 38 -20.74 5.44 15.11
C ALA C 38 -20.72 3.95 15.32
N ALA C 39 -19.61 3.38 15.83
CA ALA C 39 -19.55 1.96 16.15
C ALA C 39 -18.51 1.79 17.23
N THR C 40 -18.72 0.76 18.05
CA THR C 40 -17.73 0.35 19.05
C THR C 40 -17.66 -1.17 19.05
N PHE C 41 -16.48 -1.72 18.95
CA PHE C 41 -16.26 -3.14 19.04
C PHE C 41 -15.32 -3.44 20.19
N SER C 42 -15.44 -4.66 20.75
CA SER C 42 -14.52 -5.06 21.82
C SER C 42 -14.44 -6.57 21.88
N GLY C 43 -13.31 -7.07 22.34
CA GLY C 43 -13.13 -8.50 22.57
C GLY C 43 -11.71 -8.77 23.00
N GLN C 44 -11.40 -10.06 23.20
CA GLN C 44 -10.10 -10.46 23.68
C GLN C 44 -9.74 -11.78 23.02
N SER C 45 -8.69 -11.77 22.17
CA SER C 45 -8.26 -12.95 21.45
C SER C 45 -6.78 -12.80 21.17
N THR C 46 -6.06 -13.91 21.18
CA THR C 46 -4.72 -14.01 20.64
C THR C 46 -4.67 -14.84 19.34
N ASN C 47 -5.82 -14.92 18.65
CA ASN C 47 -5.93 -15.70 17.44
C ASN C 47 -6.80 -14.99 16.40
N ASN C 48 -6.74 -13.66 16.35
CA ASN C 48 -7.30 -12.91 15.25
C ASN C 48 -8.83 -12.92 15.21
N ALA C 49 -9.51 -13.07 16.36
CA ALA C 49 -10.97 -13.06 16.34
C ALA C 49 -11.47 -11.75 15.71
N VAL C 50 -12.56 -11.87 14.98
CA VAL C 50 -13.26 -10.75 14.34
C VAL C 50 -14.24 -10.23 15.36
N ILE C 51 -13.75 -9.33 16.22
CA ILE C 51 -14.51 -8.83 17.36
C ILE C 51 -15.63 -7.93 16.94
N GLY C 52 -15.61 -7.37 15.71
CA GLY C 52 -16.75 -6.68 15.21
C GLY C 52 -16.61 -6.46 13.71
N THR C 53 -17.76 -6.31 13.07
CA THR C 53 -17.81 -5.87 11.67
C THR C 53 -19.13 -5.18 11.46
N GLN C 54 -19.12 -4.08 10.70
CA GLN C 54 -20.34 -3.27 10.56
C GLN C 54 -20.27 -2.50 9.25
N VAL C 55 -21.42 -2.14 8.70
CA VAL C 55 -21.51 -1.25 7.56
C VAL C 55 -21.99 0.08 8.10
N LEU C 56 -21.25 1.14 7.76
CA LEU C 56 -21.57 2.52 8.16
C LEU C 56 -21.63 3.40 6.93
N ASN C 57 -22.22 4.56 7.07
CA ASN C 57 -22.17 5.58 6.00
C ASN C 57 -21.21 6.69 6.40
N SER C 58 -20.34 7.08 5.47
CA SER C 58 -19.34 8.11 5.76
C SER C 58 -19.88 9.51 5.98
N GLY C 59 -21.16 9.71 5.65
CA GLY C 59 -21.83 11.00 5.91
C GLY C 59 -21.33 12.13 5.07
N SER C 60 -21.83 13.31 5.41
CA SER C 60 -21.67 14.43 4.48
C SER C 60 -20.24 14.85 4.28
N SER C 61 -19.41 14.67 5.30
CA SER C 61 -18.03 15.13 5.21
C SER C 61 -17.07 14.00 4.81
N GLY C 62 -17.49 12.74 4.90
CA GLY C 62 -16.57 11.63 4.62
C GLY C 62 -15.51 11.37 5.68
N LYS C 63 -15.46 12.08 6.80
CA LYS C 63 -14.37 11.88 7.73
C LYS C 63 -14.62 10.67 8.61
N VAL C 64 -13.65 9.75 8.64
CA VAL C 64 -13.75 8.59 9.49
C VAL C 64 -12.48 8.48 10.31
N GLN C 65 -12.63 8.22 11.61
CA GLN C 65 -11.48 8.10 12.49
C GLN C 65 -11.62 6.83 13.33
N VAL C 66 -10.51 6.11 13.47
CA VAL C 66 -10.47 4.91 14.30
C VAL C 66 -9.62 5.22 15.52
N GLN C 67 -10.11 4.85 16.72
CA GLN C 67 -9.33 4.94 17.97
C GLN C 67 -9.35 3.57 18.62
N VAL C 68 -8.29 3.23 19.34
CA VAL C 68 -8.20 1.94 20.01
C VAL C 68 -7.73 2.19 21.43
N SER C 69 -8.34 1.51 22.41
CA SER C 69 -7.85 1.59 23.78
C SER C 69 -7.93 0.24 24.44
N VAL C 70 -7.14 0.10 25.48
CA VAL C 70 -7.10 -1.14 26.28
C VAL C 70 -7.11 -0.72 27.73
N ASN C 71 -8.16 -1.13 28.44
CA ASN C 71 -8.43 -0.71 29.82
C ASN C 71 -8.25 0.81 30.00
N GLY C 72 -8.84 1.54 29.07
CA GLY C 72 -8.89 3.00 29.17
C GLY C 72 -7.64 3.69 28.65
N ARG C 73 -6.59 2.97 28.26
CA ARG C 73 -5.38 3.63 27.80
C ARG C 73 -5.35 3.59 26.28
N PRO C 74 -5.17 4.75 25.62
CA PRO C 74 -5.11 4.73 24.13
C PRO C 74 -3.90 3.95 23.63
N SER C 75 -4.11 3.09 22.64
CA SER C 75 -3.04 2.40 21.97
C SER C 75 -2.39 3.30 20.93
N ASP C 76 -1.12 3.05 20.64
CA ASP C 76 -0.41 3.79 19.56
C ASP C 76 -0.89 3.22 18.22
N LEU C 77 -1.20 4.12 17.27
CA LEU C 77 -1.75 3.66 15.98
C LEU C 77 -0.77 3.84 14.83
N VAL C 78 -0.93 2.98 13.84
CA VAL C 78 -0.27 3.13 12.52
C VAL C 78 -1.34 2.92 11.49
N SER C 79 -1.24 3.60 10.33
CA SER C 79 -2.31 3.49 9.33
C SER C 79 -1.81 3.85 7.94
N ALA C 80 -2.58 3.46 6.95
CA ALA C 80 -2.35 3.90 5.55
C ALA C 80 -3.62 3.58 4.78
N GLN C 81 -3.73 4.14 3.60
CA GLN C 81 -4.82 3.79 2.65
C GLN C 81 -4.17 3.28 1.37
N VAL C 82 -4.70 2.20 0.79
N VAL C 82 -4.74 2.23 0.79
N VAL C 82 -4.75 2.23 0.81
CA VAL C 82 -4.21 1.70 -0.50
CA VAL C 82 -4.26 1.72 -0.48
CA VAL C 82 -4.28 1.61 -0.43
C VAL C 82 -5.39 1.49 -1.44
C VAL C 82 -5.44 1.59 -1.43
C VAL C 82 -5.46 1.61 -1.42
N ILE C 83 -5.16 1.86 -2.70
CA ILE C 83 -6.19 1.84 -3.75
C ILE C 83 -5.70 0.95 -4.87
N LEU C 84 -6.51 -0.04 -5.22
CA LEU C 84 -6.22 -0.98 -6.29
C LEU C 84 -7.08 -0.67 -7.52
N THR C 85 -6.49 -0.82 -8.71
CA THR C 85 -7.11 -0.53 -10.02
C THR C 85 -7.90 0.78 -9.97
N ASN C 86 -7.37 1.76 -9.25
CA ASN C 86 -7.97 3.12 -9.26
C ASN C 86 -9.40 3.13 -8.74
N GLU C 87 -9.82 2.20 -7.87
N GLU C 87 -9.83 2.07 -8.03
CA GLU C 87 -11.22 2.17 -7.48
CA GLU C 87 -11.24 1.87 -7.65
C GLU C 87 -11.49 1.38 -6.19
C GLU C 87 -11.42 1.38 -6.22
N LEU C 88 -10.71 0.34 -5.88
CA LEU C 88 -10.99 -0.47 -4.69
C LEU C 88 -10.11 0.01 -3.55
N ASN C 89 -10.74 0.42 -2.46
CA ASN C 89 -10.04 1.10 -1.39
C ASN C 89 -10.00 0.33 -0.10
N PHE C 90 -8.85 0.38 0.55
CA PHE C 90 -8.64 -0.17 1.92
C PHE C 90 -8.01 0.87 2.77
N ALA C 91 -8.60 1.16 3.93
CA ALA C 91 -7.98 2.00 4.96
C ALA C 91 -7.62 1.07 6.09
N LEU C 92 -6.34 1.07 6.49
CA LEU C 92 -5.75 0.04 7.34
C LEU C 92 -5.24 0.67 8.61
N VAL C 93 -5.50 0.01 9.74
CA VAL C 93 -5.02 0.48 11.03
C VAL C 93 -4.41 -0.69 11.79
N GLY C 94 -3.25 -0.46 12.38
CA GLY C 94 -2.67 -1.34 13.39
C GLY C 94 -2.56 -0.56 14.69
N SER C 95 -2.37 -1.27 15.80
CA SER C 95 -2.29 -0.64 17.10
C SER C 95 -1.48 -1.47 18.03
N GLU C 96 -0.81 -0.77 18.95
CA GLU C 96 0.08 -1.39 19.94
C GLU C 96 -0.32 -0.97 21.35
N ASP C 97 -0.60 -1.99 22.19
CA ASP C 97 -1.02 -1.79 23.56
C ASP C 97 0.08 -2.01 24.58
N GLY C 98 1.28 -2.36 24.15
CA GLY C 98 2.33 -2.75 25.06
C GLY C 98 3.69 -2.40 24.52
N THR C 99 4.63 -3.34 24.66
CA THR C 99 6.03 -3.06 24.41
C THR C 99 6.64 -3.91 23.30
N ASP C 100 5.96 -4.95 22.79
CA ASP C 100 6.56 -5.81 21.81
C ASP C 100 6.56 -5.25 20.40
N ASN C 101 5.74 -4.22 20.16
CA ASN C 101 5.71 -3.56 18.83
C ASN C 101 5.33 -4.49 17.69
N ASP C 102 4.42 -5.44 17.96
CA ASP C 102 3.85 -6.18 16.85
C ASP C 102 2.71 -5.40 16.15
N TYR C 103 2.10 -4.31 16.83
CA TYR C 103 1.08 -3.50 16.14
C TYR C 103 -0.03 -4.34 15.56
N ASN C 104 -0.34 -5.45 16.18
CA ASN C 104 -1.49 -6.23 15.72
C ASN C 104 -2.55 -6.37 16.82
N ASP C 105 -2.43 -5.60 17.89
CA ASP C 105 -3.20 -5.94 19.09
C ASP C 105 -4.69 -5.73 18.85
N ALA C 106 -5.02 -4.64 18.14
CA ALA C 106 -6.26 -4.53 17.38
C ALA C 106 -5.86 -4.10 15.97
N VAL C 107 -6.38 -4.80 14.98
CA VAL C 107 -6.17 -4.50 13.56
C VAL C 107 -7.53 -4.10 13.02
N VAL C 108 -7.61 -2.97 12.28
CA VAL C 108 -8.88 -2.51 11.73
C VAL C 108 -8.75 -2.34 10.25
N VAL C 109 -9.71 -2.89 9.52
CA VAL C 109 -9.74 -2.73 8.06
C VAL C 109 -11.05 -2.07 7.69
N ILE C 110 -10.96 -0.98 6.92
CA ILE C 110 -12.10 -0.29 6.35
C ILE C 110 -12.05 -0.52 4.85
N ASN C 111 -13.16 -0.89 4.23
CA ASN C 111 -13.15 -1.17 2.79
C ASN C 111 -14.34 -0.50 2.14
N TRP C 112 -14.11 -0.03 0.91
CA TRP C 112 -15.20 0.54 0.10
C TRP C 112 -14.72 0.51 -1.35
N PRO C 113 -15.63 0.67 -2.32
CA PRO C 113 -17.10 0.67 -2.19
C PRO C 113 -17.64 -0.71 -1.86
N LEU C 114 -18.88 -0.71 -1.40
CA LEU C 114 -19.65 -1.91 -1.12
C LEU C 114 -20.66 -2.16 -2.21
N GLY C 115 -21.35 -3.30 -2.12
CA GLY C 115 -22.49 -3.60 -3.01
C GLY C 115 -22.17 -4.30 -4.30
N ALA D 2 -0.30 -9.34 -15.18
CA ALA D 2 0.55 -9.76 -14.03
C ALA D 2 -0.25 -10.69 -13.14
N THR D 3 0.40 -11.70 -12.61
CA THR D 3 -0.22 -12.56 -11.61
C THR D 3 -0.66 -11.75 -10.40
N GLN D 4 -1.81 -12.12 -9.85
CA GLN D 4 -2.38 -11.46 -8.65
C GLN D 4 -2.87 -12.53 -7.69
N GLY D 5 -2.97 -12.15 -6.42
CA GLY D 5 -3.47 -13.06 -5.38
C GLY D 5 -2.46 -14.07 -4.87
N VAL D 6 -1.17 -13.90 -5.19
CA VAL D 6 -0.09 -14.78 -4.71
C VAL D 6 0.83 -13.98 -3.82
N PHE D 7 1.11 -14.50 -2.63
CA PHE D 7 1.93 -13.80 -1.66
C PHE D 7 2.96 -14.76 -1.03
N THR D 8 4.16 -14.26 -0.80
CA THR D 8 5.14 -15.03 -0.01
C THR D 8 5.16 -14.50 1.40
N LEU D 9 4.73 -15.35 2.33
CA LEU D 9 4.78 -15.03 3.75
C LEU D 9 6.08 -15.58 4.34
N PRO D 10 6.49 -15.11 5.52
CA PRO D 10 7.58 -15.80 6.22
C PRO D 10 7.12 -17.27 6.44
N ALA D 11 8.09 -18.19 6.42
CA ALA D 11 7.78 -19.58 6.64
C ALA D 11 7.23 -19.86 8.01
N ASN D 12 6.38 -20.87 8.06
CA ASN D 12 5.92 -21.44 9.34
C ASN D 12 5.26 -20.40 10.23
N THR D 13 4.46 -19.52 9.64
CA THR D 13 3.89 -18.40 10.36
C THR D 13 2.34 -18.44 10.24
N ARG D 14 1.70 -18.29 11.38
CA ARG D 14 0.21 -18.21 11.36
C ARG D 14 -0.25 -16.89 10.78
N PHE D 15 -1.32 -16.97 10.00
CA PHE D 15 -1.90 -15.78 9.41
C PHE D 15 -3.40 -15.91 9.41
N GLY D 16 -4.09 -14.77 9.42
CA GLY D 16 -5.54 -14.72 9.29
C GLY D 16 -5.92 -14.56 7.84
N VAL D 17 -7.05 -15.15 7.46
CA VAL D 17 -7.66 -14.89 6.17
C VAL D 17 -9.16 -14.72 6.37
N THR D 18 -9.71 -13.63 5.82
CA THR D 18 -11.10 -13.23 6.02
C THR D 18 -11.65 -12.76 4.70
N ALA D 19 -12.86 -13.21 4.34
CA ALA D 19 -13.44 -12.81 3.06
C ALA D 19 -14.80 -12.15 3.30
N PHE D 20 -15.08 -11.17 2.46
CA PHE D 20 -16.33 -10.40 2.45
C PHE D 20 -16.93 -10.50 1.06
N ALA D 21 -18.29 -10.44 0.96
CA ALA D 21 -18.95 -10.51 -0.34
C ALA D 21 -19.77 -9.24 -0.62
N ASN D 22 -19.74 -8.85 -1.90
CA ASN D 22 -20.49 -7.67 -2.42
C ASN D 22 -20.93 -7.93 -3.85
N SER D 23 -21.90 -8.82 -4.04
CA SER D 23 -22.31 -9.23 -5.38
C SER D 23 -23.62 -10.01 -5.29
N SER D 24 -24.42 -10.01 -6.37
CA SER D 24 -25.56 -10.89 -6.41
C SER D 24 -25.12 -12.35 -6.57
N GLY D 25 -23.90 -12.59 -7.06
CA GLY D 25 -23.40 -13.96 -7.26
C GLY D 25 -22.81 -14.56 -5.99
N THR D 26 -23.01 -15.86 -5.83
CA THR D 26 -22.34 -16.57 -4.74
C THR D 26 -20.85 -16.67 -4.99
N GLN D 27 -20.07 -16.20 -4.00
CA GLN D 27 -18.60 -16.22 -4.12
C GLN D 27 -18.02 -17.47 -3.52
N THR D 28 -17.04 -18.06 -4.21
CA THR D 28 -16.26 -19.16 -3.62
C THR D 28 -14.82 -18.74 -3.60
N VAL D 29 -14.24 -18.70 -2.41
CA VAL D 29 -12.90 -18.25 -2.17
C VAL D 29 -12.07 -19.49 -1.76
N ASN D 30 -11.01 -19.78 -2.50
N ASN D 30 -11.00 -19.80 -2.51
CA ASN D 30 -10.13 -20.86 -2.14
CA ASN D 30 -10.09 -20.92 -2.25
C ASN D 30 -8.81 -20.25 -1.75
C ASN D 30 -8.75 -20.33 -1.82
N VAL D 31 -8.25 -20.78 -0.67
CA VAL D 31 -6.98 -20.32 -0.13
C VAL D 31 -6.05 -21.52 -0.18
N LEU D 32 -4.96 -21.39 -0.93
CA LEU D 32 -3.94 -22.43 -1.09
C LEU D 32 -2.70 -22.09 -0.32
N VAL D 33 -2.12 -23.09 0.35
CA VAL D 33 -0.83 -22.94 1.03
C VAL D 33 0.08 -23.97 0.41
N ASN D 34 1.24 -23.56 -0.13
CA ASN D 34 2.15 -24.46 -0.83
C ASN D 34 1.42 -25.26 -1.90
N ASN D 35 0.56 -24.56 -2.60
CA ASN D 35 -0.16 -25.13 -3.75
C ASN D 35 -1.19 -26.19 -3.42
N GLU D 36 -1.60 -26.27 -2.17
CA GLU D 36 -2.65 -27.18 -1.73
C GLU D 36 -3.75 -26.41 -1.02
N THR D 37 -5.00 -26.77 -1.33
CA THR D 37 -6.13 -26.06 -0.68
C THR D 37 -6.06 -26.23 0.84
N ALA D 38 -6.16 -25.12 1.53
CA ALA D 38 -6.13 -25.07 2.98
C ALA D 38 -7.43 -24.53 3.60
N ALA D 39 -8.18 -23.70 2.87
CA ALA D 39 -9.45 -23.19 3.38
C ALA D 39 -10.30 -22.87 2.18
N THR D 40 -11.61 -23.01 2.35
CA THR D 40 -12.57 -22.62 1.31
C THR D 40 -13.75 -21.93 1.98
N PHE D 41 -14.14 -20.76 1.48
CA PHE D 41 -15.28 -20.03 1.99
C PHE D 41 -16.27 -19.85 0.86
N SER D 42 -17.55 -19.85 1.20
N SER D 42 -17.57 -19.80 1.16
N SER D 42 -17.57 -19.93 1.14
CA SER D 42 -18.63 -19.62 0.24
CA SER D 42 -18.55 -19.52 0.10
CA SER D 42 -18.58 -19.54 0.15
C SER D 42 -19.69 -18.72 0.88
C SER D 42 -19.78 -18.90 0.70
C SER D 42 -19.69 -18.76 0.84
N GLY D 43 -20.29 -17.83 0.09
CA GLY D 43 -21.43 -17.14 0.59
C GLY D 43 -21.87 -16.08 -0.38
N GLN D 44 -22.99 -15.45 -0.09
CA GLN D 44 -23.55 -14.40 -0.95
C GLN D 44 -23.98 -13.25 -0.06
N SER D 45 -23.60 -12.04 -0.46
CA SER D 45 -24.05 -10.81 0.17
C SER D 45 -23.85 -9.67 -0.78
N THR D 46 -24.72 -8.65 -0.69
CA THR D 46 -24.47 -7.33 -1.33
C THR D 46 -24.18 -6.26 -0.26
N ASN D 47 -23.90 -6.70 0.98
CA ASN D 47 -23.69 -5.81 2.12
C ASN D 47 -22.42 -6.11 2.88
N ASN D 48 -21.41 -6.64 2.18
CA ASN D 48 -20.09 -6.81 2.81
C ASN D 48 -20.09 -7.84 3.92
N ALA D 49 -21.01 -8.81 3.89
CA ALA D 49 -20.98 -9.82 4.97
C ALA D 49 -19.70 -10.56 4.94
N VAL D 50 -19.23 -10.98 6.13
CA VAL D 50 -18.13 -11.90 6.26
C VAL D 50 -18.64 -13.28 5.85
N ILE D 51 -18.04 -13.84 4.80
CA ILE D 51 -18.42 -15.17 4.32
C ILE D 51 -17.43 -16.24 4.83
N GLY D 52 -16.34 -15.85 5.50
CA GLY D 52 -15.49 -16.81 6.19
C GLY D 52 -14.34 -16.10 6.85
N THR D 53 -13.80 -16.73 7.89
CA THR D 53 -12.56 -16.27 8.51
C THR D 53 -11.89 -17.47 9.15
N GLN D 54 -10.57 -17.53 9.10
CA GLN D 54 -9.86 -18.71 9.55
C GLN D 54 -8.43 -18.30 9.83
N VAL D 55 -7.74 -19.10 10.62
CA VAL D 55 -6.29 -18.97 10.83
C VAL D 55 -5.59 -20.17 10.24
N LEU D 56 -4.57 -19.90 9.44
CA LEU D 56 -3.79 -20.92 8.75
C LEU D 56 -2.32 -20.77 9.06
N ASN D 57 -1.51 -21.75 8.70
CA ASN D 57 -0.09 -21.65 8.84
C ASN D 57 0.56 -21.65 7.45
N SER D 58 1.50 -20.74 7.22
CA SER D 58 2.10 -20.58 5.91
C SER D 58 3.07 -21.70 5.53
N GLY D 59 3.41 -22.59 6.48
CA GLY D 59 4.23 -23.81 6.20
C GLY D 59 5.61 -23.48 5.72
N SER D 60 6.30 -24.52 5.25
CA SER D 60 7.74 -24.38 4.96
C SER D 60 8.02 -23.45 3.78
N SER D 61 7.10 -23.35 2.83
CA SER D 61 7.35 -22.53 1.65
C SER D 61 6.94 -21.07 1.82
N GLY D 62 5.99 -20.82 2.73
CA GLY D 62 5.40 -19.48 2.83
C GLY D 62 4.48 -19.08 1.70
N LYS D 63 4.25 -19.93 0.70
CA LYS D 63 3.47 -19.54 -0.48
C LYS D 63 1.98 -19.61 -0.19
N VAL D 64 1.29 -18.49 -0.34
CA VAL D 64 -0.16 -18.41 -0.13
C VAL D 64 -0.79 -17.86 -1.37
N GLN D 65 -1.86 -18.49 -1.83
CA GLN D 65 -2.58 -18.00 -3.01
C GLN D 65 -4.06 -17.96 -2.72
N VAL D 66 -4.70 -16.89 -3.17
CA VAL D 66 -6.16 -16.72 -3.11
C VAL D 66 -6.70 -16.80 -4.50
N GLN D 67 -7.75 -17.62 -4.69
CA GLN D 67 -8.52 -17.70 -5.95
C GLN D 67 -9.98 -17.47 -5.63
N VAL D 68 -10.67 -16.81 -6.54
CA VAL D 68 -12.10 -16.54 -6.37
C VAL D 68 -12.83 -16.97 -7.61
N SER D 69 -13.96 -17.65 -7.45
CA SER D 69 -14.78 -18.01 -8.58
C SER D 69 -16.24 -17.82 -8.20
N VAL D 70 -17.07 -17.68 -9.26
CA VAL D 70 -18.51 -17.51 -9.10
C VAL D 70 -19.16 -18.48 -10.07
N ASN D 71 -19.85 -19.49 -9.53
CA ASN D 71 -20.42 -20.60 -10.34
C ASN D 71 -19.33 -21.16 -11.28
N GLY D 72 -18.12 -21.36 -10.76
CA GLY D 72 -16.98 -21.99 -11.44
C GLY D 72 -16.22 -21.09 -12.38
N ARG D 73 -16.71 -19.87 -12.57
N ARG D 73 -16.71 -19.86 -12.62
CA ARG D 73 -16.07 -18.93 -13.47
CA ARG D 73 -15.98 -18.94 -13.47
C ARG D 73 -14.99 -18.17 -12.67
C ARG D 73 -14.95 -18.20 -12.65
N PRO D 74 -13.70 -18.27 -13.04
CA PRO D 74 -12.67 -17.56 -12.26
C PRO D 74 -12.88 -16.05 -12.34
N SER D 75 -12.87 -15.37 -11.20
CA SER D 75 -12.93 -13.91 -11.17
C SER D 75 -11.58 -13.34 -11.45
N ASP D 76 -11.55 -12.18 -12.08
CA ASP D 76 -10.29 -11.44 -12.24
C ASP D 76 -9.91 -10.84 -10.90
N LEU D 77 -8.63 -10.89 -10.56
CA LEU D 77 -8.19 -10.43 -9.26
C LEU D 77 -7.32 -9.16 -9.35
N VAL D 78 -7.35 -8.38 -8.28
N VAL D 78 -7.26 -8.45 -8.25
CA VAL D 78 -6.35 -7.34 -7.99
CA VAL D 78 -6.30 -7.37 -8.07
C VAL D 78 -5.78 -7.61 -6.62
C VAL D 78 -5.80 -7.51 -6.65
N SER D 79 -4.52 -7.26 -6.40
CA SER D 79 -3.95 -7.52 -5.10
C SER D 79 -2.74 -6.66 -4.83
N ALA D 80 -2.35 -6.56 -3.57
CA ALA D 80 -1.09 -5.94 -3.16
C ALA D 80 -0.79 -6.34 -1.73
N GLN D 81 0.46 -6.16 -1.29
CA GLN D 81 0.82 -6.32 0.10
C GLN D 81 1.32 -4.98 0.64
N VAL D 82 0.92 -4.66 1.88
N VAL D 82 0.93 -4.66 1.87
CA VAL D 82 1.31 -3.41 2.53
CA VAL D 82 1.36 -3.42 2.49
C VAL D 82 1.78 -3.64 3.96
C VAL D 82 1.82 -3.71 3.91
N ILE D 83 2.96 -3.12 4.28
CA ILE D 83 3.58 -3.36 5.58
C ILE D 83 3.67 -2.02 6.30
N LEU D 84 3.12 -1.97 7.53
CA LEU D 84 3.15 -0.77 8.37
C LEU D 84 4.16 -0.97 9.50
N THR D 85 4.89 0.09 9.81
CA THR D 85 5.93 0.14 10.81
C THR D 85 6.85 -1.08 10.76
N ASN D 86 7.12 -1.56 9.54
CA ASN D 86 8.06 -2.64 9.33
C ASN D 86 7.69 -3.92 10.07
N GLU D 87 6.42 -4.02 10.54
N GLU D 87 6.42 -4.16 10.32
CA GLU D 87 5.95 -5.09 11.45
CA GLU D 87 6.06 -5.30 11.13
C GLU D 87 4.63 -5.75 11.04
C GLU D 87 4.67 -5.84 10.76
N LEU D 88 3.68 -4.94 10.61
CA LEU D 88 2.31 -5.40 10.43
C LEU D 88 2.00 -5.53 8.96
N ASN D 89 1.61 -6.74 8.52
CA ASN D 89 1.47 -7.08 7.13
C ASN D 89 0.00 -7.31 6.76
N PHE D 90 -0.39 -6.76 5.62
CA PHE D 90 -1.67 -6.99 4.98
C PHE D 90 -1.44 -7.47 3.57
N ALA D 91 -2.07 -8.57 3.19
CA ALA D 91 -2.12 -9.04 1.81
C ALA D 91 -3.58 -8.91 1.40
N LEU D 92 -3.86 -8.11 0.39
CA LEU D 92 -5.20 -7.66 0.09
C LEU D 92 -5.59 -8.11 -1.30
N VAL D 93 -6.82 -8.61 -1.46
CA VAL D 93 -7.31 -9.08 -2.75
C VAL D 93 -8.71 -8.53 -2.99
N GLY D 94 -8.94 -7.99 -4.19
CA GLY D 94 -10.29 -7.74 -4.68
C GLY D 94 -10.53 -8.62 -5.91
N SER D 95 -11.76 -8.72 -6.31
CA SER D 95 -12.11 -9.61 -7.43
C SER D 95 -13.35 -9.09 -8.10
N GLU D 96 -13.41 -9.40 -9.41
CA GLU D 96 -14.53 -8.93 -10.28
C GLU D 96 -15.15 -10.12 -10.97
N ASP D 97 -16.46 -10.27 -10.79
CA ASP D 97 -17.21 -11.38 -11.36
C ASP D 97 -18.11 -10.95 -12.55
N GLY D 98 -18.06 -9.69 -12.94
CA GLY D 98 -19.00 -9.15 -13.96
C GLY D 98 -18.35 -8.07 -14.78
N THR D 99 -19.08 -6.98 -15.02
CA THR D 99 -18.69 -5.97 -15.95
C THR D 99 -18.54 -4.61 -15.34
N ASP D 100 -19.01 -4.39 -14.09
CA ASP D 100 -18.95 -3.06 -13.53
C ASP D 100 -17.57 -2.65 -13.02
N ASN D 101 -16.66 -3.63 -12.87
CA ASN D 101 -15.28 -3.36 -12.41
C ASN D 101 -15.22 -2.61 -11.07
N ASP D 102 -16.18 -2.92 -10.16
CA ASP D 102 -16.01 -2.46 -8.78
C ASP D 102 -14.95 -3.28 -8.00
N TYR D 103 -14.65 -4.48 -8.48
CA TYR D 103 -13.58 -5.30 -7.87
C TYR D 103 -13.79 -5.57 -6.37
N ASN D 104 -15.05 -5.56 -5.92
CA ASN D 104 -15.33 -5.82 -4.52
C ASN D 104 -16.18 -7.10 -4.34
N ASP D 105 -16.33 -7.88 -5.43
CA ASP D 105 -17.37 -8.90 -5.40
C ASP D 105 -17.09 -9.97 -4.35
N ALA D 106 -15.81 -10.35 -4.27
CA ALA D 106 -15.24 -10.93 -3.02
C ALA D 106 -14.01 -10.08 -2.70
N VAL D 107 -13.88 -9.71 -1.44
CA VAL D 107 -12.71 -8.98 -0.93
C VAL D 107 -12.07 -9.89 0.10
N VAL D 108 -10.76 -10.11 0.02
CA VAL D 108 -10.09 -11.00 0.91
C VAL D 108 -8.95 -10.26 1.60
N VAL D 109 -8.88 -10.36 2.92
CA VAL D 109 -7.84 -9.76 3.72
C VAL D 109 -7.05 -10.83 4.41
N ILE D 110 -5.74 -10.85 4.18
CA ILE D 110 -4.80 -11.73 4.90
C ILE D 110 -3.98 -10.81 5.79
N ASN D 111 -3.79 -11.21 7.05
CA ASN D 111 -2.98 -10.38 7.95
C ASN D 111 -2.09 -11.24 8.80
N TRP D 112 -0.90 -10.72 9.08
CA TRP D 112 0.05 -11.37 9.99
C TRP D 112 1.01 -10.30 10.47
N PRO D 113 1.75 -10.57 11.56
CA PRO D 113 1.67 -11.74 12.44
C PRO D 113 0.39 -11.69 13.28
N LEU D 114 0.10 -12.84 13.87
CA LEU D 114 -1.01 -12.99 14.83
C LEU D 114 -0.43 -13.10 16.22
N GLY D 115 -1.33 -13.11 17.23
CA GLY D 115 -0.92 -13.37 18.59
C GLY D 115 -0.56 -12.16 19.40
C1 NAG E . 16.20 -11.05 -23.63
C2 NAG E . 17.42 -10.50 -22.92
C3 NAG E . 17.13 -10.26 -21.44
C4 NAG E . 15.87 -9.41 -21.32
C5 NAG E . 14.70 -10.06 -22.07
C6 NAG E . 13.44 -9.29 -22.06
C7 NAG E . 19.55 -11.20 -23.86
C8 NAG E . 20.58 -12.28 -24.02
N2 NAG E . 18.52 -11.43 -23.04
O3 NAG E . 18.24 -9.55 -20.87
O4 NAG E . 15.44 -9.29 -19.95
O5 NAG E . 15.09 -10.23 -23.46
O6 NAG E . 13.59 -8.01 -22.42
O7 NAG E . 19.69 -10.13 -24.50
C1 FUC E . 15.45 -7.97 -19.47
C2 FUC E . 14.54 -7.88 -18.25
C3 FUC E . 15.07 -8.68 -17.12
C4 FUC E . 16.50 -8.31 -16.80
C5 FUC E . 17.36 -8.34 -18.07
C6 FUC E . 18.78 -7.83 -17.85
O2 FUC E . 13.18 -8.34 -18.47
O3 FUC E . 14.27 -8.47 -15.95
O4 FUC E . 16.44 -6.94 -16.25
O5 FUC E . 16.76 -7.54 -19.11
C1 NAG F . 1.95 -7.84 29.52
C2 NAG F . 1.34 -9.16 29.14
C3 NAG F . 1.37 -9.26 27.63
C4 NAG F . 0.76 -8.04 26.96
C5 NAG F . 1.46 -6.80 27.51
C6 NAG F . 0.94 -5.49 27.00
C7 NAG F . 1.57 -11.05 30.70
C8 NAG F . 2.40 -12.28 31.06
N2 NAG F . 2.07 -10.27 29.74
O3 NAG F . 0.62 -10.40 27.27
O4 NAG F . 1.06 -8.03 25.56
O5 NAG F . 1.34 -6.77 28.94
O6 NAG F . -0.46 -5.51 26.89
O7 NAG F . 0.44 -10.79 31.17
C1 FUC F . -0.06 -8.16 24.70
C2 FUC F . 0.33 -7.67 23.32
C3 FUC F . 1.37 -8.60 22.73
C4 FUC F . 0.88 -10.03 22.75
C5 FUC F . 0.46 -10.43 24.16
C6 FUC F . -0.16 -11.80 24.22
O2 FUC F . 0.86 -6.33 23.30
O3 FUC F . 1.61 -8.17 21.38
O4 FUC F . -0.23 -10.09 21.82
O5 FUC F . -0.53 -9.50 24.63
C1 NAG G . -25.62 -10.05 -13.59
C2 NAG G . -26.33 -9.55 -12.35
C3 NAG G . -25.49 -8.51 -11.59
C4 NAG G . -24.11 -9.09 -11.39
C5 NAG G . -23.48 -9.51 -12.71
C6 NAG G . -22.13 -10.15 -12.61
C7 NAG G . -28.76 -9.53 -12.43
C8 NAG G . -30.05 -8.79 -12.71
N2 NAG G . -27.60 -8.97 -12.73
O3 NAG G . -26.11 -8.26 -10.36
O4 NAG G . -23.22 -8.10 -10.83
O5 NAG G . -24.34 -10.52 -13.32
O6 NAG G . -22.12 -11.15 -11.62
O7 NAG G . -28.86 -10.65 -11.90
C1 FUC G . -22.72 -8.43 -9.53
C2 FUC G . -21.45 -7.61 -9.24
C3 FUC G . -21.75 -6.14 -9.18
C4 FUC G . -22.85 -5.89 -8.16
C5 FUC G . -24.08 -6.76 -8.44
C6 FUC G . -25.16 -6.60 -7.38
O2 FUC G . -20.42 -7.82 -10.27
O3 FUC G . -20.54 -5.46 -8.81
O4 FUC G . -22.27 -6.20 -6.87
O5 FUC G . -23.67 -8.14 -8.52
C1 FUC H . 8.03 24.83 4.42
C2 FUC H . 7.25 23.51 4.26
C3 FUC H . 5.93 23.77 3.63
C4 FUC H . 6.07 24.44 2.29
C5 FUC H . 6.92 25.70 2.44
C6 FUC H . 7.23 26.39 1.12
O1 FUC H . 7.30 25.65 5.31
O2 FUC H . 7.04 22.86 5.52
O3 FUC H . 5.27 22.49 3.43
O4 FUC H . 6.71 23.50 1.42
O5 FUC H . 8.16 25.42 3.12
CA CA I . 6.10 21.11 1.54
CA CA J . 5.55 20.84 5.23
O1 T45 K . 17.77 -9.19 -28.54
C3 T45 K . 17.14 -10.24 -28.41
O T45 K . 16.73 -10.96 -29.62
C4 T45 K . 17.56 -11.91 -30.31
C2 T45 K . 16.82 -10.84 -27.08
N3 T45 K . 16.76 -12.16 -26.88
N2 T45 K . 16.48 -12.41 -25.53
N1 T45 K . 16.40 -11.17 -24.92
C1 T45 K . 16.58 -10.21 -25.84
CA CA L . 11.84 -8.26 -16.34
CA CA M . 14.59 -6.27 -14.78
S SO4 N . -6.94 -17.60 21.68
O1 SO4 N . -5.57 -17.53 21.05
O2 SO4 N . -7.37 -16.27 22.07
O3 SO4 N . -7.90 -18.23 20.74
O4 SO4 N . -6.95 -18.50 22.80
CA CA O . -0.15 -8.79 19.72
CA CA P . 1.63 -5.74 20.96
O1 T45 Q . -1.63 -7.13 33.79
C3 T45 Q . -0.39 -7.15 33.93
O T45 Q . 0.29 -6.95 35.22
C4 T45 Q . 0.17 -7.87 36.32
C2 T45 Q . 0.51 -7.36 32.76
N3 T45 Q . 1.86 -7.47 32.91
N2 T45 Q . 2.43 -7.68 31.66
N1 T45 Q . 1.42 -7.69 30.72
C1 T45 Q . 0.24 -7.48 31.39
O1 T45 R . -27.84 -14.99 -13.55
C3 T45 R . -27.73 -14.40 -14.62
O T45 R . -28.07 -15.10 -15.86
C4 T45 R . -29.39 -15.60 -16.15
C2 T45 R . -27.23 -12.98 -14.69
N3 T45 R . -27.34 -12.19 -15.75
N2 T45 R . -26.77 -10.95 -15.49
N1 T45 R . -26.29 -11.00 -14.20
C1 T45 R . -26.55 -12.24 -13.71
CA CA S . -19.90 -5.66 -6.41
CA CA T . -18.44 -6.32 -9.78
#